data_4RGL
#
_entry.id   4RGL
#
_cell.length_a   56.129
_cell.length_b   56.129
_cell.length_c   251.447
_cell.angle_alpha   90.000
_cell.angle_beta   90.000
_cell.angle_gamma   90.000
#
_symmetry.space_group_name_H-M   'P 43 21 2'
#
loop_
_entity.id
_entity.type
_entity.pdbx_description
1 polymer 'Filamentation induced by cAMP protein Fic'
2 non-polymer 'UNKNOWN LIGAND'
3 water water
#
_entity_poly.entity_id   1
_entity_poly.type   'polypeptide(L)'
_entity_poly.pdbx_seq_one_letter_code
;G(MSE)IKPSNYQPPYTITPAIVNLVAEIGEIIGRYTVLAEQNLTPRLRRENRIRTIQASLAIENNTLTLEQVTAVIDGK
RVLGHPREIQEVRNAFATYEA(MSE)EDWDASVEGDLLAAHELL(MSE)RGLVDETGRYRSGGVGIFRGEQLVH(MSE)A
PPADRVPKL(MSE)ADLLDWLENTNEHPLVASCIFHYEFEFIHPFADGNGR(MSE)GRLWQTLILRNWKPLLAYLPVETV
IRDRQEDYYRVLAVADSQADATPFVEF(MSE)LGALRDAVREAVSTDHVGDQVTDQVAALIRAIGGGELSSNDL(MSE)Q
ALGLSHRPTFRNNYLNPA(MSE)EDEWIERTQPDSPRSPTQRYRLTGKGQRWLQHHADE
;
_entity_poly.pdbx_strand_id   A
#
loop_
_chem_comp.id
_chem_comp.type
_chem_comp.name
_chem_comp.formula
UNL non-polymer 'UNKNOWN LIGAND' ?
#
# COMPACT_ATOMS: atom_id res chain seq x y z
N TYR A 8 8.44 -28.23 16.91
CA TYR A 8 7.25 -27.56 16.43
C TYR A 8 7.38 -27.12 14.96
N GLN A 9 6.35 -27.41 14.15
CA GLN A 9 6.25 -26.92 12.77
C GLN A 9 4.78 -26.86 12.33
N PRO A 10 4.34 -25.75 11.69
CA PRO A 10 2.94 -25.66 11.23
C PRO A 10 2.65 -26.64 10.05
N PRO A 11 1.34 -26.85 9.69
CA PRO A 11 1.04 -27.84 8.63
C PRO A 11 1.43 -27.34 7.22
N TYR A 12 2.74 -27.22 6.97
CA TYR A 12 3.23 -26.77 5.70
C TYR A 12 3.50 -27.96 4.77
N THR A 13 2.63 -28.14 3.74
CA THR A 13 2.81 -29.18 2.71
C THR A 13 2.72 -28.54 1.32
N ILE A 14 3.82 -28.59 0.55
CA ILE A 14 3.91 -27.93 -0.77
C ILE A 14 2.99 -28.64 -1.80
N THR A 15 2.66 -27.95 -2.90
CA THR A 15 1.79 -28.47 -3.96
C THR A 15 2.23 -27.88 -5.33
N PRO A 16 2.00 -28.60 -6.47
CA PRO A 16 2.43 -28.06 -7.78
C PRO A 16 1.86 -26.66 -8.05
N ALA A 17 0.72 -26.31 -7.43
CA ALA A 17 0.13 -24.97 -7.59
C ALA A 17 1.00 -23.90 -6.93
N ILE A 18 1.59 -24.22 -5.73
CA ILE A 18 2.46 -23.29 -5.00
C ILE A 18 3.72 -22.95 -5.81
N VAL A 19 4.44 -24.00 -6.32
CA VAL A 19 5.70 -23.78 -7.05
C VAL A 19 5.44 -22.94 -8.31
N ASN A 20 4.26 -23.13 -8.96
CA ASN A 20 3.88 -22.33 -10.15
C ASN A 20 3.60 -20.87 -9.76
N LEU A 21 3.00 -20.65 -8.56
CA LEU A 21 2.72 -19.30 -8.08
C LEU A 21 4.01 -18.61 -7.65
N VAL A 22 4.94 -19.36 -7.01
CA VAL A 22 6.25 -18.83 -6.62
C VAL A 22 7.05 -18.46 -7.87
N ALA A 23 7.00 -19.33 -8.90
CA ALA A 23 7.68 -19.09 -10.16
C ALA A 23 7.15 -17.83 -10.85
N GLU A 24 5.81 -17.66 -10.87
CA GLU A 24 5.22 -16.51 -11.54
C GLU A 24 5.51 -15.21 -10.75
N ILE A 25 5.28 -15.23 -9.39
CA ILE A 25 5.56 -14.07 -8.54
C ILE A 25 7.03 -13.66 -8.70
N GLY A 26 7.94 -14.64 -8.58
CA GLY A 26 9.36 -14.43 -8.78
C GLY A 26 9.69 -13.74 -10.09
N GLU A 27 9.13 -14.25 -11.20
CA GLU A 27 9.35 -13.67 -12.51
C GLU A 27 8.76 -12.24 -12.59
N ILE A 28 7.51 -12.05 -12.09
CA ILE A 28 6.86 -10.73 -12.13
C ILE A 28 7.71 -9.69 -11.37
N ILE A 29 8.28 -10.08 -10.20
CA ILE A 29 9.17 -9.20 -9.42
C ILE A 29 10.46 -8.91 -10.21
N GLY A 30 10.93 -9.92 -10.96
CA GLY A 30 12.07 -9.77 -11.85
C GLY A 30 11.90 -8.64 -12.84
N ARG A 31 10.63 -8.30 -13.15
CA ARG A 31 10.27 -7.14 -13.99
C ARG A 31 9.97 -5.92 -13.11
N TYR A 32 9.12 -6.10 -12.07
CA TYR A 32 8.71 -5.04 -11.11
C TYR A 32 9.93 -4.26 -10.58
N THR A 33 11.12 -4.88 -10.62
CA THR A 33 12.36 -4.22 -10.20
C THR A 33 12.98 -3.50 -11.42
N VAL A 34 14.14 -4.00 -11.94
CA VAL A 34 14.85 -3.43 -13.11
C VAL A 34 14.84 -1.86 -13.02
N LEU A 35 14.14 -1.18 -13.97
CA LEU A 35 14.03 0.29 -13.98
C LEU A 35 12.62 0.71 -13.58
N ALA A 36 11.71 -0.28 -13.33
CA ALA A 36 10.34 0.00 -12.86
C ALA A 36 10.36 0.51 -11.41
N GLU A 37 11.52 0.32 -10.70
CA GLU A 37 11.74 0.87 -9.37
C GLU A 37 12.11 2.34 -9.47
N GLN A 38 12.70 2.75 -10.63
CA GLN A 38 13.06 4.16 -10.90
C GLN A 38 11.85 4.94 -11.49
N ASN A 39 10.62 4.38 -11.33
CA ASN A 39 9.37 5.03 -11.73
C ASN A 39 8.49 5.25 -10.52
N LEU A 40 8.63 4.36 -9.50
CA LEU A 40 7.86 4.41 -8.26
C LEU A 40 8.26 5.64 -7.43
N THR A 41 7.54 6.77 -7.60
CA THR A 41 7.81 8.02 -6.91
C THR A 41 7.26 7.97 -5.44
N PRO A 42 7.60 8.97 -4.57
CA PRO A 42 7.08 8.94 -3.19
C PRO A 42 5.55 9.00 -3.15
N ARG A 43 4.93 9.75 -4.10
CA ARG A 43 3.47 9.85 -4.19
C ARG A 43 2.84 8.50 -4.51
N LEU A 44 3.47 7.73 -5.44
CA LEU A 44 2.97 6.39 -5.81
C LEU A 44 3.11 5.41 -4.64
N ARG A 45 4.25 5.45 -3.91
CA ARG A 45 4.43 4.65 -2.69
C ARG A 45 3.33 4.98 -1.68
N ARG A 46 3.01 6.28 -1.53
CA ARG A 46 1.98 6.72 -0.61
C ARG A 46 0.59 6.26 -1.08
N GLU A 47 0.30 6.41 -2.41
CA GLU A 47 -0.97 5.97 -2.97
C GLU A 47 -1.22 4.51 -2.65
N ASN A 48 -0.19 3.66 -2.81
CA ASN A 48 -0.27 2.24 -2.50
C ASN A 48 -0.43 2.02 -1.01
N ARG A 49 0.38 2.74 -0.18
CA ARG A 49 0.31 2.64 1.27
C ARG A 49 -1.10 3.02 1.77
N ILE A 50 -1.69 4.10 1.21
CA ILE A 50 -3.04 4.54 1.57
C ILE A 50 -4.07 3.42 1.20
N ARG A 51 -3.91 2.79 0.01
CA ARG A 51 -4.77 1.68 -0.43
C ARG A 51 -4.66 0.49 0.53
N THR A 52 -3.41 0.15 0.96
CA THR A 52 -3.17 -0.93 1.94
C THR A 52 -3.91 -0.64 3.26
N ILE A 53 -3.76 0.58 3.79
CA ILE A 53 -4.36 0.98 5.06
C ILE A 53 -5.89 0.97 4.95
N GLN A 54 -6.44 1.65 3.92
CA GLN A 54 -7.88 1.74 3.74
C GLN A 54 -8.51 0.34 3.63
N ALA A 55 -7.93 -0.53 2.78
CA ALA A 55 -8.48 -1.88 2.57
C ALA A 55 -8.35 -2.72 3.85
N SER A 56 -7.15 -2.73 4.49
CA SER A 56 -6.92 -3.50 5.73
C SER A 56 -7.93 -3.11 6.81
N LEU A 57 -8.22 -1.79 6.94
CA LEU A 57 -9.20 -1.29 7.92
C LEU A 57 -10.63 -1.57 7.45
N ALA A 58 -10.88 -1.51 6.12
CA ALA A 58 -12.21 -1.78 5.56
C ALA A 58 -12.65 -3.22 5.84
N ILE A 59 -11.67 -4.17 5.84
CA ILE A 59 -11.95 -5.58 6.12
C ILE A 59 -12.48 -5.72 7.55
N GLU A 60 -11.99 -4.89 8.48
CA GLU A 60 -12.43 -4.93 9.87
C GLU A 60 -13.58 -3.91 10.11
N ASN A 61 -14.41 -3.69 9.07
CA ASN A 61 -15.67 -2.94 9.15
C ASN A 61 -15.44 -1.42 9.42
N ASN A 62 -14.31 -0.85 8.95
CA ASN A 62 -14.12 0.61 8.99
C ASN A 62 -14.81 1.23 7.78
N THR A 63 -15.76 2.14 8.02
CA THR A 63 -16.65 2.63 6.96
C THR A 63 -16.01 3.80 6.13
N LEU A 64 -14.78 4.24 6.48
CA LEU A 64 -14.13 5.33 5.73
C LEU A 64 -13.76 4.89 4.31
N THR A 65 -13.97 5.80 3.32
CA THR A 65 -13.67 5.53 1.91
C THR A 65 -12.19 5.78 1.64
N LEU A 66 -11.71 5.39 0.44
CA LEU A 66 -10.32 5.65 0.04
C LEU A 66 -10.05 7.15 0.00
N GLU A 67 -11.02 7.93 -0.55
CA GLU A 67 -10.94 9.39 -0.62
C GLU A 67 -10.80 9.98 0.81
N GLN A 68 -11.54 9.42 1.79
CA GLN A 68 -11.50 9.88 3.18
C GLN A 68 -10.15 9.53 3.83
N VAL A 69 -9.74 8.24 3.74
CA VAL A 69 -8.47 7.78 4.32
C VAL A 69 -7.30 8.60 3.73
N THR A 70 -7.35 8.93 2.42
CA THR A 70 -6.35 9.78 1.77
C THR A 70 -6.31 11.15 2.46
N ALA A 71 -7.50 11.77 2.65
CA ALA A 71 -7.61 13.09 3.27
C ALA A 71 -7.09 13.08 4.72
N VAL A 72 -7.34 11.98 5.48
CA VAL A 72 -6.84 11.85 6.86
C VAL A 72 -5.31 11.88 6.86
N ILE A 73 -4.69 11.04 6.02
CA ILE A 73 -3.25 10.91 5.95
C ILE A 73 -2.62 12.18 5.30
N ASP A 74 -3.37 12.85 4.39
CA ASP A 74 -2.88 14.08 3.75
C ASP A 74 -2.87 15.24 4.74
N GLY A 75 -3.80 15.20 5.69
CA GLY A 75 -3.98 16.28 6.66
C GLY A 75 -5.14 17.19 6.31
N LYS A 76 -5.84 16.86 5.19
CA LYS A 76 -6.97 17.64 4.66
C LYS A 76 -8.22 17.50 5.55
N ARG A 77 -9.33 18.21 5.18
CA ARG A 77 -10.60 18.19 5.93
C ARG A 77 -11.22 16.79 5.89
N VAL A 78 -11.63 16.26 7.06
CA VAL A 78 -12.23 14.92 7.13
C VAL A 78 -13.47 14.93 8.01
N LEU A 79 -14.61 14.51 7.44
CA LEU A 79 -15.84 14.37 8.20
C LEU A 79 -16.15 12.90 8.41
N GLY A 80 -16.09 12.46 9.66
CA GLY A 80 -16.35 11.07 10.02
C GLY A 80 -16.23 10.81 11.50
N HIS A 81 -16.37 9.53 11.90
CA HIS A 81 -16.28 9.13 13.30
C HIS A 81 -14.85 9.28 13.82
N PRO A 82 -14.65 9.91 15.02
CA PRO A 82 -13.28 10.15 15.50
C PRO A 82 -12.49 8.85 15.73
N ARG A 83 -13.20 7.77 16.12
CA ARG A 83 -12.56 6.47 16.38
C ARG A 83 -12.03 5.86 15.07
N GLU A 84 -12.81 5.97 13.98
CA GLU A 84 -12.39 5.46 12.66
C GLU A 84 -11.23 6.28 12.12
N ILE A 85 -11.25 7.61 12.33
CA ILE A 85 -10.18 8.50 11.86
C ILE A 85 -8.87 8.21 12.63
N GLN A 86 -8.98 7.90 13.95
CA GLN A 86 -7.81 7.56 14.75
C GLN A 86 -7.25 6.21 14.38
N GLU A 87 -8.11 5.27 13.93
CA GLU A 87 -7.65 3.98 13.43
C GLU A 87 -6.70 4.18 12.25
N VAL A 88 -7.07 5.14 11.34
CA VAL A 88 -6.27 5.47 10.16
C VAL A 88 -4.94 6.11 10.57
N ARG A 89 -4.98 7.12 11.46
CA ARG A 89 -3.77 7.80 11.92
C ARG A 89 -2.81 6.79 12.55
N ASN A 90 -3.31 5.92 13.46
CA ASN A 90 -2.49 4.89 14.11
C ASN A 90 -1.93 3.90 13.08
N ALA A 91 -2.78 3.45 12.14
CA ALA A 91 -2.35 2.51 11.09
C ALA A 91 -1.21 3.11 10.25
N PHE A 92 -1.39 4.37 9.77
CA PHE A 92 -0.36 5.06 8.99
C PHE A 92 0.94 5.17 9.80
N ALA A 93 0.83 5.50 11.08
CA ALA A 93 1.99 5.61 11.96
C ALA A 93 2.69 4.25 12.12
N THR A 94 1.91 3.16 12.16
CA THR A 94 2.44 1.81 12.39
C THR A 94 3.22 1.31 11.15
N TYR A 95 2.62 1.45 9.93
CA TYR A 95 3.26 0.98 8.70
C TYR A 95 4.54 1.78 8.38
N GLU A 96 4.59 3.06 8.79
CA GLU A 96 5.77 3.89 8.52
C GLU A 96 6.95 3.49 9.42
N ALA A 97 6.70 2.66 10.45
CA ALA A 97 7.73 2.26 11.41
C ALA A 97 8.23 0.79 11.15
N MSE A 98 7.93 0.24 9.95
CA MSE A 98 8.30 -1.15 9.63
C MSE A 98 9.80 -1.33 9.52
O MSE A 98 10.32 -2.41 9.78
CB MSE A 98 7.65 -1.62 8.33
CG MSE A 98 6.13 -1.71 8.43
SE MSE A 98 5.37 -2.54 6.86
CE MSE A 98 5.73 -4.14 7.22
N GLU A 99 10.53 -0.25 9.10
CA GLU A 99 11.99 -0.30 8.93
C GLU A 99 12.68 -0.75 10.24
N ASP A 100 12.07 -0.42 11.40
CA ASP A 100 12.66 -0.71 12.72
C ASP A 100 12.52 -2.20 13.11
N TRP A 101 11.53 -2.92 12.51
CA TRP A 101 11.16 -4.23 13.03
C TRP A 101 11.71 -5.42 12.22
N ASP A 102 12.06 -6.49 12.95
CA ASP A 102 12.37 -7.80 12.42
C ASP A 102 11.21 -8.74 12.78
N ALA A 103 10.58 -9.35 11.77
CA ALA A 103 9.34 -10.11 11.93
C ALA A 103 9.45 -11.24 13.00
N SER A 104 10.66 -11.69 13.32
CA SER A 104 10.85 -12.79 14.26
C SER A 104 11.03 -12.29 15.71
N VAL A 105 11.15 -10.95 15.91
CA VAL A 105 11.38 -10.37 17.24
C VAL A 105 10.03 -10.12 17.94
N GLU A 106 9.80 -10.79 19.09
CA GLU A 106 8.55 -10.66 19.87
C GLU A 106 8.33 -9.21 20.30
N GLY A 107 9.40 -8.55 20.72
CA GLY A 107 9.35 -7.15 21.15
C GLY A 107 8.91 -6.22 20.05
N ASP A 108 9.34 -6.48 18.81
CA ASP A 108 8.96 -5.67 17.64
C ASP A 108 7.48 -5.86 17.32
N LEU A 109 6.97 -7.10 17.52
CA LEU A 109 5.55 -7.41 17.31
C LEU A 109 4.68 -6.63 18.29
N LEU A 110 5.13 -6.53 19.56
CA LEU A 110 4.40 -5.82 20.60
C LEU A 110 4.48 -4.31 20.38
N ALA A 111 5.66 -3.81 19.98
CA ALA A 111 5.84 -2.38 19.67
C ALA A 111 4.89 -1.94 18.52
N ALA A 112 4.67 -2.83 17.52
CA ALA A 112 3.77 -2.56 16.41
C ALA A 112 2.32 -2.50 16.87
N HIS A 113 1.91 -3.45 17.73
CA HIS A 113 0.55 -3.50 18.26
C HIS A 113 0.25 -2.24 19.10
N GLU A 114 1.28 -1.74 19.84
CA GLU A 114 1.17 -0.51 20.62
C GLU A 114 0.84 0.70 19.70
N LEU A 115 1.62 0.89 18.62
CA LEU A 115 1.40 2.01 17.69
C LEU A 115 0.05 1.91 17.02
N LEU A 116 -0.39 0.69 16.71
CA LEU A 116 -1.63 0.44 15.98
C LEU A 116 -2.86 0.67 16.88
N MSE A 117 -2.77 0.32 18.18
CA MSE A 117 -3.94 0.36 19.06
C MSE A 117 -3.88 1.51 20.10
O MSE A 117 -4.82 1.66 20.89
CB MSE A 117 -4.11 -0.98 19.80
CG MSE A 117 -4.24 -2.19 18.86
SE MSE A 117 -5.63 -2.01 17.52
CE MSE A 117 -7.13 -1.83 18.64
N ARG A 118 -2.79 2.32 20.08
CA ARG A 118 -2.61 3.40 21.06
C ARG A 118 -3.87 4.25 21.19
N GLY A 119 -4.37 4.38 22.43
CA GLY A 119 -5.53 5.21 22.75
C GLY A 119 -6.88 4.64 22.35
N LEU A 120 -6.89 3.45 21.74
CA LEU A 120 -8.15 2.85 21.28
C LEU A 120 -8.60 1.72 22.19
N VAL A 121 -7.64 1.01 22.82
CA VAL A 121 -7.92 -0.20 23.60
C VAL A 121 -7.12 -0.20 24.93
N ASP A 122 -7.54 -1.03 25.91
CA ASP A 122 -6.89 -1.11 27.21
C ASP A 122 -5.56 -1.89 27.10
N GLU A 123 -5.60 -3.13 26.56
CA GLU A 123 -4.40 -3.98 26.47
C GLU A 123 -3.66 -3.75 25.15
N THR A 124 -2.66 -2.86 25.17
CA THR A 124 -1.83 -2.55 24.00
C THR A 124 -0.39 -2.98 24.24
N GLY A 125 0.26 -3.50 23.21
CA GLY A 125 1.66 -3.90 23.28
C GLY A 125 1.92 -5.07 24.20
N ARG A 126 0.91 -5.96 24.33
CA ARG A 126 0.98 -7.16 25.17
C ARG A 126 -0.09 -8.13 24.76
N TYR A 127 0.08 -9.42 25.08
CA TYR A 127 -0.90 -10.42 24.72
C TYR A 127 -2.11 -10.34 25.65
N ARG A 128 -3.28 -10.75 25.16
CA ARG A 128 -4.54 -10.72 25.92
C ARG A 128 -4.43 -11.54 27.21
N SER A 129 -5.04 -11.04 28.29
CA SER A 129 -5.04 -11.73 29.58
C SER A 129 -6.19 -12.71 29.65
N GLY A 130 -7.17 -12.56 28.75
CA GLY A 130 -8.34 -13.41 28.72
C GLY A 130 -8.64 -13.97 27.34
N GLY A 131 -9.79 -14.64 27.23
CA GLY A 131 -10.24 -15.22 25.98
C GLY A 131 -10.71 -14.18 24.99
N VAL A 132 -10.79 -14.56 23.72
CA VAL A 132 -11.24 -13.66 22.67
C VAL A 132 -11.95 -14.47 21.56
N GLY A 133 -12.96 -13.87 20.94
CA GLY A 133 -13.69 -14.50 19.86
C GLY A 133 -13.04 -14.24 18.51
N ILE A 134 -12.94 -15.31 17.68
CA ILE A 134 -12.41 -15.19 16.32
C ILE A 134 -13.55 -14.95 15.34
N PHE A 135 -13.51 -13.80 14.63
CA PHE A 135 -14.52 -13.46 13.64
C PHE A 135 -14.02 -13.73 12.23
N ARG A 136 -14.81 -14.47 11.43
CA ARG A 136 -14.48 -14.73 10.04
C ARG A 136 -15.65 -14.31 9.14
N GLY A 137 -15.88 -13.00 9.05
CA GLY A 137 -16.99 -12.45 8.27
C GLY A 137 -18.34 -12.76 8.87
N GLU A 138 -19.27 -13.26 8.04
CA GLU A 138 -20.63 -13.59 8.48
C GLU A 138 -20.70 -15.04 8.99
N GLN A 139 -19.53 -15.61 9.34
CA GLN A 139 -19.43 -16.98 9.85
C GLN A 139 -19.66 -17.01 11.38
N LEU A 140 -20.04 -18.20 11.93
CA LEU A 140 -20.29 -18.41 13.35
C LEU A 140 -19.01 -18.16 14.19
N VAL A 141 -19.13 -17.38 15.28
CA VAL A 141 -18.00 -17.01 16.14
C VAL A 141 -17.56 -18.21 17.00
N HIS A 142 -16.25 -18.44 17.08
CA HIS A 142 -15.68 -19.46 17.97
C HIS A 142 -14.56 -18.82 18.80
N MSE A 143 -14.17 -19.49 19.89
CA MSE A 143 -13.18 -18.91 20.82
C MSE A 143 -11.76 -19.26 20.39
O MSE A 143 -11.51 -20.36 19.93
CB MSE A 143 -13.44 -19.39 22.25
CG MSE A 143 -14.87 -19.19 22.73
SE MSE A 143 -15.51 -17.36 22.49
CE MSE A 143 -14.25 -16.43 23.62
N ALA A 144 -10.82 -18.31 20.59
CA ALA A 144 -9.39 -18.52 20.34
C ALA A 144 -8.77 -19.36 21.48
N PRO A 145 -7.50 -19.83 21.33
CA PRO A 145 -6.88 -20.60 22.43
C PRO A 145 -6.84 -19.82 23.76
N PRO A 146 -6.85 -20.51 24.93
CA PRO A 146 -6.78 -19.79 26.21
C PRO A 146 -5.58 -18.84 26.26
N ALA A 147 -5.73 -17.72 26.98
CA ALA A 147 -4.69 -16.67 27.05
C ALA A 147 -3.34 -17.22 27.59
N ASP A 148 -3.38 -18.23 28.49
CA ASP A 148 -2.16 -18.78 29.08
C ASP A 148 -1.37 -19.65 28.07
N ARG A 149 -2.02 -20.05 26.94
CA ARG A 149 -1.35 -20.84 25.89
C ARG A 149 -0.62 -19.93 24.91
N VAL A 150 -1.11 -18.67 24.77
CA VAL A 150 -0.62 -17.71 23.78
C VAL A 150 0.94 -17.51 23.87
N PRO A 151 1.51 -17.20 25.08
CA PRO A 151 2.97 -16.93 25.15
C PRO A 151 3.81 -18.01 24.45
N LYS A 152 3.54 -19.32 24.75
CA LYS A 152 4.27 -20.45 24.16
C LYS A 152 3.98 -20.56 22.66
N LEU A 153 2.69 -20.46 22.26
CA LEU A 153 2.28 -20.54 20.85
C LEU A 153 3.00 -19.48 20.02
N MSE A 154 3.08 -18.24 20.55
CA MSE A 154 3.72 -17.13 19.87
C MSE A 154 5.23 -17.28 19.89
O MSE A 154 5.88 -16.99 18.88
CB MSE A 154 3.30 -15.80 20.50
CG MSE A 154 1.93 -15.35 20.04
SE MSE A 154 1.94 -15.06 18.12
CE MSE A 154 0.33 -15.56 17.76
N ALA A 155 5.80 -17.77 21.00
CA ALA A 155 7.23 -18.02 21.10
C ALA A 155 7.67 -19.02 20.06
N ASP A 156 6.91 -20.14 19.93
CA ASP A 156 7.20 -21.19 18.96
C ASP A 156 7.09 -20.66 17.54
N LEU A 157 5.99 -19.94 17.25
CA LEU A 157 5.73 -19.40 15.92
C LEU A 157 6.87 -18.43 15.48
N LEU A 158 7.31 -17.54 16.40
CA LEU A 158 8.36 -16.57 16.09
C LEU A 158 9.72 -17.26 15.98
N ASP A 159 9.94 -18.33 16.78
CA ASP A 159 11.18 -19.11 16.69
C ASP A 159 11.24 -19.85 15.37
N TRP A 160 10.08 -20.41 14.94
CA TRP A 160 9.97 -21.09 13.65
C TRP A 160 10.30 -20.16 12.51
N LEU A 161 9.72 -18.94 12.54
CA LEU A 161 9.90 -17.95 11.49
C LEU A 161 11.39 -17.54 11.34
N GLU A 162 12.11 -17.48 12.47
CA GLU A 162 13.53 -17.08 12.45
C GLU A 162 14.39 -18.18 11.81
N ASN A 163 14.08 -19.46 12.11
CA ASN A 163 14.92 -20.58 11.68
C ASN A 163 14.28 -21.40 10.52
N THR A 164 13.24 -20.85 9.85
CA THR A 164 12.58 -21.59 8.76
C THR A 164 13.42 -21.57 7.48
N ASN A 165 13.40 -22.67 6.74
CA ASN A 165 14.09 -22.80 5.46
C ASN A 165 13.14 -22.45 4.31
N GLU A 166 11.82 -22.31 4.63
CA GLU A 166 10.78 -21.94 3.64
C GLU A 166 11.04 -20.57 3.05
N HIS A 167 10.61 -20.37 1.81
CA HIS A 167 10.80 -19.10 1.11
C HIS A 167 9.91 -18.01 1.74
N PRO A 168 10.40 -16.74 1.83
CA PRO A 168 9.59 -15.68 2.46
C PRO A 168 8.12 -15.67 1.98
N LEU A 169 7.89 -15.88 0.65
CA LEU A 169 6.53 -15.89 0.08
C LEU A 169 5.65 -16.92 0.80
N VAL A 170 6.20 -18.11 1.06
CA VAL A 170 5.47 -19.18 1.75
C VAL A 170 5.44 -18.90 3.26
N ALA A 171 6.59 -18.51 3.84
CA ALA A 171 6.72 -18.26 5.28
C ALA A 171 5.73 -17.19 5.76
N SER A 172 5.50 -16.12 4.93
CA SER A 172 4.54 -15.06 5.26
C SER A 172 3.11 -15.59 5.32
N CYS A 173 2.77 -16.50 4.39
CA CYS A 173 1.44 -17.11 4.35
C CYS A 173 1.24 -18.03 5.55
N ILE A 174 2.26 -18.87 5.87
CA ILE A 174 2.20 -19.80 7.01
C ILE A 174 2.03 -19.01 8.32
N PHE A 175 2.82 -17.92 8.51
CA PHE A 175 2.73 -17.09 9.71
C PHE A 175 1.34 -16.47 9.83
N HIS A 176 0.82 -15.88 8.74
CA HIS A 176 -0.52 -15.27 8.69
C HIS A 176 -1.57 -16.26 9.16
N TYR A 177 -1.49 -17.51 8.66
CA TYR A 177 -2.43 -18.57 8.99
C TYR A 177 -2.34 -18.97 10.46
N GLU A 178 -1.12 -19.14 10.97
CA GLU A 178 -0.92 -19.50 12.37
C GLU A 178 -1.32 -18.36 13.30
N PHE A 179 -0.90 -17.11 12.96
CA PHE A 179 -1.21 -15.92 13.76
C PHE A 179 -2.72 -15.71 13.89
N GLU A 180 -3.48 -15.92 12.78
CA GLU A 180 -4.92 -15.74 12.79
C GLU A 180 -5.60 -16.77 13.71
N PHE A 181 -5.04 -18.00 13.77
CA PHE A 181 -5.59 -19.06 14.62
C PHE A 181 -5.38 -18.73 16.11
N ILE A 182 -4.22 -18.14 16.45
CA ILE A 182 -3.89 -17.87 17.84
C ILE A 182 -4.64 -16.60 18.35
N HIS A 183 -4.74 -15.53 17.51
CA HIS A 183 -5.36 -14.24 17.94
C HIS A 183 -4.73 -13.78 19.26
N PRO A 184 -3.41 -13.43 19.24
CA PRO A 184 -2.70 -13.22 20.50
C PRO A 184 -3.11 -11.94 21.23
N PHE A 185 -3.67 -10.96 20.51
CA PHE A 185 -4.02 -9.69 21.13
C PHE A 185 -5.51 -9.59 21.40
N ALA A 186 -5.90 -8.71 22.33
CA ALA A 186 -7.30 -8.47 22.65
C ALA A 186 -8.05 -7.87 21.44
N ASP A 187 -7.37 -7.03 20.65
CA ASP A 187 -7.97 -6.39 19.47
C ASP A 187 -6.95 -6.23 18.36
N GLY A 188 -7.43 -6.08 17.13
CA GLY A 188 -6.59 -5.77 15.97
C GLY A 188 -5.76 -6.92 15.45
N ASN A 189 -6.20 -8.17 15.71
CA ASN A 189 -5.45 -9.36 15.26
C ASN A 189 -5.44 -9.46 13.75
N GLY A 190 -6.57 -9.14 13.12
CA GLY A 190 -6.68 -9.11 11.66
C GLY A 190 -5.69 -8.17 11.03
N ARG A 191 -5.70 -6.91 11.47
CA ARG A 191 -4.80 -5.87 10.98
C ARG A 191 -3.31 -6.20 11.27
N MSE A 192 -3.03 -6.87 12.44
CA MSE A 192 -1.67 -7.31 12.79
C MSE A 192 -1.20 -8.46 11.89
O MSE A 192 0.00 -8.59 11.63
CB MSE A 192 -1.59 -7.75 14.27
CG MSE A 192 -1.63 -6.58 15.25
SE MSE A 192 -0.16 -5.34 15.00
CE MSE A 192 1.31 -6.50 15.44
N GLY A 193 -2.14 -9.29 11.46
CA GLY A 193 -1.85 -10.38 10.55
C GLY A 193 -1.35 -9.88 9.21
N ARG A 194 -2.11 -8.94 8.59
CA ARG A 194 -1.75 -8.35 7.29
C ARG A 194 -0.48 -7.52 7.41
N LEU A 195 -0.30 -6.83 8.56
CA LEU A 195 0.90 -6.03 8.77
C LEU A 195 2.13 -6.90 8.80
N TRP A 196 2.10 -8.00 9.57
CA TRP A 196 3.27 -8.84 9.75
C TRP A 196 3.58 -9.63 8.46
N GLN A 197 2.54 -9.95 7.66
CA GLN A 197 2.77 -10.58 6.37
C GLN A 197 3.56 -9.61 5.44
N THR A 198 3.17 -8.32 5.44
CA THR A 198 3.87 -7.28 4.69
C THR A 198 5.32 -7.14 5.22
N LEU A 199 5.53 -7.32 6.55
CA LEU A 199 6.86 -7.19 7.14
C LEU A 199 7.74 -8.34 6.71
N ILE A 200 7.23 -9.58 6.76
CA ILE A 200 7.98 -10.77 6.33
C ILE A 200 8.38 -10.63 4.83
N LEU A 201 7.48 -10.01 4.00
CA LEU A 201 7.77 -9.83 2.57
C LEU A 201 8.78 -8.67 2.34
N ARG A 202 8.67 -7.56 3.12
CA ARG A 202 9.60 -6.44 2.91
C ARG A 202 10.98 -6.75 3.53
N ASN A 203 11.05 -7.71 4.49
CA ASN A 203 12.34 -8.16 5.02
C ASN A 203 13.10 -8.95 3.96
N TRP A 204 12.38 -9.43 2.93
CA TRP A 204 12.96 -10.12 1.78
C TRP A 204 13.21 -9.12 0.64
N LYS A 205 12.15 -8.41 0.22
CA LYS A 205 12.25 -7.37 -0.81
C LYS A 205 11.45 -6.14 -0.35
N PRO A 206 12.16 -5.03 -0.02
CA PRO A 206 11.47 -3.88 0.61
C PRO A 206 10.44 -3.21 -0.30
N LEU A 207 10.46 -3.51 -1.62
CA LEU A 207 9.48 -2.94 -2.56
C LEU A 207 8.08 -3.51 -2.31
N LEU A 208 8.02 -4.75 -1.75
CA LEU A 208 6.75 -5.42 -1.46
C LEU A 208 6.00 -4.74 -0.29
N ALA A 209 6.67 -3.80 0.42
CA ALA A 209 6.02 -3.02 1.48
C ALA A 209 4.99 -2.08 0.88
N TYR A 210 5.09 -1.82 -0.46
CA TYR A 210 4.17 -0.94 -1.16
C TYR A 210 3.29 -1.74 -2.14
N LEU A 211 3.11 -3.04 -1.87
CA LEU A 211 2.22 -3.89 -2.67
C LEU A 211 0.81 -3.93 -2.04
N PRO A 212 -0.20 -3.29 -2.68
CA PRO A 212 -1.53 -3.20 -2.04
C PRO A 212 -2.35 -4.48 -2.23
N VAL A 213 -1.82 -5.63 -1.76
CA VAL A 213 -2.49 -6.95 -1.88
C VAL A 213 -3.82 -6.95 -1.05
N GLU A 214 -3.94 -6.02 -0.08
CA GLU A 214 -5.10 -5.94 0.80
C GLU A 214 -6.38 -5.57 0.03
N THR A 215 -6.23 -4.83 -1.12
CA THR A 215 -7.37 -4.49 -1.98
C THR A 215 -7.98 -5.77 -2.61
N VAL A 216 -7.12 -6.78 -2.89
CA VAL A 216 -7.57 -8.06 -3.44
C VAL A 216 -8.28 -8.88 -2.34
N ILE A 217 -7.69 -8.91 -1.13
CA ILE A 217 -8.25 -9.64 0.02
C ILE A 217 -9.60 -9.03 0.42
N ARG A 218 -9.74 -7.68 0.29
CA ARG A 218 -10.99 -6.99 0.61
C ARG A 218 -12.10 -7.35 -0.41
N ASP A 219 -11.75 -7.45 -1.69
CA ASP A 219 -12.70 -7.76 -2.73
C ASP A 219 -13.05 -9.27 -2.74
N ARG A 220 -12.11 -10.11 -2.28
CA ARG A 220 -12.33 -11.57 -2.17
C ARG A 220 -12.56 -11.96 -0.72
N GLN A 221 -13.16 -11.05 0.06
CA GLN A 221 -13.33 -11.21 1.52
C GLN A 221 -14.11 -12.50 1.86
N GLU A 222 -15.26 -12.73 1.18
CA GLU A 222 -16.09 -13.93 1.44
C GLU A 222 -15.27 -15.22 1.22
N ASP A 223 -14.49 -15.29 0.10
CA ASP A 223 -13.66 -16.46 -0.20
C ASP A 223 -12.48 -16.55 0.75
N TYR A 224 -11.86 -15.39 1.08
CA TYR A 224 -10.73 -15.30 2.01
C TYR A 224 -11.07 -15.99 3.32
N TYR A 225 -12.18 -15.57 3.98
CA TYR A 225 -12.62 -16.14 5.25
C TYR A 225 -13.10 -17.61 5.08
N ARG A 226 -13.66 -17.97 3.89
CA ARG A 226 -14.13 -19.34 3.64
C ARG A 226 -12.94 -20.30 3.48
N VAL A 227 -11.89 -19.88 2.73
CA VAL A 227 -10.66 -20.69 2.56
C VAL A 227 -9.93 -20.79 3.88
N LEU A 228 -9.90 -19.69 4.64
CA LEU A 228 -9.27 -19.64 5.95
C LEU A 228 -10.00 -20.58 6.95
N ALA A 229 -11.35 -20.67 6.84
CA ALA A 229 -12.15 -21.55 7.70
C ALA A 229 -12.00 -23.01 7.29
N VAL A 230 -12.00 -23.29 5.94
CA VAL A 230 -11.83 -24.65 5.42
C VAL A 230 -10.45 -25.18 5.79
N ALA A 231 -9.40 -24.32 5.68
CA ALA A 231 -8.04 -24.66 6.07
C ALA A 231 -7.96 -24.92 7.59
N ASP A 232 -8.72 -24.15 8.38
CA ASP A 232 -8.82 -24.33 9.84
C ASP A 232 -9.51 -25.67 10.19
N SER A 233 -10.62 -25.99 9.46
CA SER A 233 -11.38 -27.22 9.69
C SER A 233 -10.59 -28.47 9.29
N GLN A 234 -9.86 -28.40 8.17
CA GLN A 234 -9.12 -29.54 7.65
C GLN A 234 -7.69 -29.58 8.26
N ALA A 235 -7.34 -28.58 9.13
CA ALA A 235 -6.03 -28.49 9.81
C ALA A 235 -4.86 -28.50 8.78
N ASP A 236 -5.00 -27.71 7.68
CA ASP A 236 -3.98 -27.66 6.63
C ASP A 236 -3.85 -26.23 6.07
N ALA A 237 -2.65 -25.66 6.12
CA ALA A 237 -2.40 -24.29 5.64
C ALA A 237 -2.36 -24.22 4.10
N THR A 238 -2.07 -25.36 3.44
CA THR A 238 -1.88 -25.45 1.98
C THR A 238 -2.96 -24.60 1.18
N PRO A 239 -4.30 -24.81 1.39
CA PRO A 239 -5.29 -24.07 0.58
C PRO A 239 -5.21 -22.55 0.82
N PHE A 240 -4.89 -22.14 2.07
CA PHE A 240 -4.74 -20.72 2.40
C PHE A 240 -3.50 -20.13 1.71
N VAL A 241 -2.39 -20.91 1.67
CA VAL A 241 -1.16 -20.48 1.02
C VAL A 241 -1.41 -20.28 -0.48
N GLU A 242 -2.17 -21.21 -1.11
CA GLU A 242 -2.56 -21.08 -2.51
C GLU A 242 -3.35 -19.80 -2.74
N PHE A 243 -4.33 -19.50 -1.83
CA PHE A 243 -5.16 -18.31 -1.94
C PHE A 243 -4.34 -17.05 -1.83
N MSE A 244 -3.49 -16.96 -0.79
CA MSE A 244 -2.69 -15.76 -0.53
C MSE A 244 -1.65 -15.54 -1.65
O MSE A 244 -1.56 -14.42 -2.16
CB MSE A 244 -2.00 -15.84 0.82
CG MSE A 244 -1.53 -14.48 1.33
SE MSE A 244 -2.98 -13.16 1.40
CE MSE A 244 -4.21 -14.12 2.54
N LEU A 245 -0.89 -16.60 -2.03
CA LEU A 245 0.09 -16.48 -3.14
C LEU A 245 -0.63 -16.10 -4.42
N GLY A 246 -1.86 -16.57 -4.57
CA GLY A 246 -2.71 -16.21 -5.70
C GLY A 246 -3.06 -14.73 -5.68
N ALA A 247 -3.53 -14.24 -4.51
CA ALA A 247 -3.85 -12.82 -4.32
C ALA A 247 -2.60 -11.94 -4.54
N LEU A 248 -1.44 -12.37 -3.97
CA LEU A 248 -0.17 -11.64 -4.12
C LEU A 248 0.26 -11.56 -5.56
N ARG A 249 0.11 -12.67 -6.31
CA ARG A 249 0.41 -12.71 -7.74
C ARG A 249 -0.46 -11.71 -8.50
N ASP A 250 -1.78 -11.75 -8.23
CA ASP A 250 -2.74 -10.85 -8.88
C ASP A 250 -2.44 -9.40 -8.51
N ALA A 251 -1.94 -9.17 -7.29
CA ALA A 251 -1.59 -7.83 -6.83
C ALA A 251 -0.34 -7.33 -7.53
N VAL A 252 0.75 -8.13 -7.49
CA VAL A 252 2.01 -7.73 -8.12
C VAL A 252 1.82 -7.67 -9.67
N ARG A 253 0.78 -8.35 -10.18
CA ARG A 253 0.47 -8.32 -11.61
C ARG A 253 -0.25 -7.01 -11.99
N GLU A 254 -1.26 -6.57 -11.16
CA GLU A 254 -1.96 -5.31 -11.45
C GLU A 254 -1.07 -4.09 -11.11
N ALA A 255 0.06 -4.33 -10.43
CA ALA A 255 1.01 -3.27 -10.09
C ALA A 255 1.90 -2.95 -11.29
N VAL A 256 2.22 -3.95 -12.12
CA VAL A 256 3.08 -3.76 -13.29
C VAL A 256 2.24 -3.23 -14.49
N SER A 257 0.92 -3.56 -14.51
CA SER A 257 0.01 -3.13 -15.60
C SER A 257 -0.27 -1.61 -15.55
N THR A 258 -0.15 -0.99 -14.34
CA THR A 258 -0.39 0.45 -14.17
C THR A 258 0.68 1.28 -14.92
N ASP A 259 1.93 0.75 -14.99
CA ASP A 259 3.02 1.42 -15.73
C ASP A 259 2.81 1.28 -17.25
N HIS A 260 2.62 0.02 -17.75
CA HIS A 260 2.39 -0.23 -19.17
C HIS A 260 1.22 -1.20 -19.36
N GLN A 264 7.62 14.05 -18.99
CA GLN A 264 7.89 15.03 -17.94
C GLN A 264 8.27 16.39 -18.54
N VAL A 265 7.92 17.50 -17.84
CA VAL A 265 8.25 18.87 -18.28
C VAL A 265 9.46 19.40 -17.48
N THR A 266 10.27 20.28 -18.09
CA THR A 266 11.42 20.89 -17.43
C THR A 266 10.94 21.97 -16.42
N ASP A 267 11.80 22.37 -15.45
CA ASP A 267 11.44 23.42 -14.45
C ASP A 267 11.09 24.75 -15.16
N GLN A 268 11.69 24.98 -16.35
CA GLN A 268 11.42 26.16 -17.17
C GLN A 268 10.04 26.04 -17.84
N VAL A 269 9.74 24.84 -18.43
CA VAL A 269 8.48 24.58 -19.13
C VAL A 269 7.30 24.51 -18.11
N ALA A 270 7.55 23.93 -16.91
CA ALA A 270 6.52 23.81 -15.86
C ALA A 270 6.06 25.18 -15.37
N ALA A 271 7.00 26.15 -15.24
CA ALA A 271 6.70 27.51 -14.79
C ALA A 271 5.83 28.26 -15.82
N LEU A 272 6.03 27.98 -17.13
CA LEU A 272 5.27 28.63 -18.21
C LEU A 272 3.80 28.14 -18.21
N ILE A 273 3.58 26.80 -18.04
CA ILE A 273 2.24 26.20 -18.03
C ILE A 273 1.41 26.80 -16.87
N ARG A 274 2.03 26.95 -15.67
CA ARG A 274 1.36 27.55 -14.51
C ARG A 274 1.10 29.06 -14.72
N ALA A 275 1.98 29.73 -15.50
CA ALA A 275 1.85 31.17 -15.78
C ALA A 275 0.66 31.45 -16.70
N ILE A 276 0.40 30.56 -17.70
CA ILE A 276 -0.72 30.71 -18.63
C ILE A 276 -2.07 30.55 -17.88
N GLY A 277 -2.25 29.40 -17.22
CA GLY A 277 -3.47 29.08 -16.50
C GLY A 277 -4.66 28.90 -17.43
N GLY A 278 -5.72 29.67 -17.20
CA GLY A 278 -6.92 29.61 -18.03
C GLY A 278 -6.95 30.66 -19.12
N GLY A 279 -6.34 31.82 -18.85
CA GLY A 279 -6.34 32.95 -19.78
C GLY A 279 -5.39 32.81 -20.94
N GLU A 280 -5.38 33.82 -21.84
CA GLU A 280 -4.49 33.84 -23.00
C GLU A 280 -3.40 34.90 -22.83
N LEU A 281 -2.14 34.47 -22.65
CA LEU A 281 -1.02 35.39 -22.39
C LEU A 281 -0.17 35.60 -23.63
N SER A 282 0.30 36.86 -23.84
CA SER A 282 1.22 37.18 -24.92
C SER A 282 2.67 36.91 -24.47
N SER A 283 3.66 37.13 -25.38
CA SER A 283 5.07 36.92 -25.06
C SER A 283 5.52 37.85 -23.90
N ASN A 284 5.05 39.12 -23.93
CA ASN A 284 5.38 40.10 -22.88
C ASN A 284 4.65 39.80 -21.56
N ASP A 285 3.46 39.16 -21.64
CA ASP A 285 2.70 38.75 -20.45
C ASP A 285 3.41 37.61 -19.73
N LEU A 286 3.98 36.66 -20.50
CA LEU A 286 4.76 35.55 -19.94
C LEU A 286 6.12 36.04 -19.46
N MSE A 287 6.77 36.94 -20.24
CA MSE A 287 8.04 37.55 -19.88
C MSE A 287 7.98 38.21 -18.47
O MSE A 287 8.86 37.96 -17.63
CB MSE A 287 8.44 38.60 -20.93
CG MSE A 287 9.93 38.85 -21.00
SE MSE A 287 10.83 37.80 -22.40
CE MSE A 287 12.59 38.30 -22.00
N GLN A 288 6.90 38.99 -18.21
CA GLN A 288 6.70 39.66 -16.91
C GLN A 288 6.41 38.64 -15.78
N ALA A 289 5.56 37.62 -16.06
CA ALA A 289 5.16 36.63 -15.07
C ALA A 289 6.33 35.72 -14.65
N LEU A 290 7.17 35.32 -15.63
CA LEU A 290 8.29 34.39 -15.37
C LEU A 290 9.54 35.15 -14.80
N GLY A 291 9.49 36.48 -14.80
CA GLY A 291 10.59 37.31 -14.29
C GLY A 291 11.82 37.25 -15.16
N LEU A 292 11.62 37.11 -16.47
CA LEU A 292 12.71 37.02 -17.44
C LEU A 292 13.08 38.41 -17.98
N SER A 293 14.32 38.55 -18.49
CA SER A 293 14.79 39.81 -19.06
C SER A 293 15.61 39.57 -20.35
N HIS A 294 15.90 38.29 -20.66
CA HIS A 294 16.63 37.92 -21.87
C HIS A 294 15.69 37.18 -22.84
N ARG A 295 15.34 37.85 -23.96
CA ARG A 295 14.34 37.34 -24.92
C ARG A 295 14.79 35.98 -25.55
N PRO A 296 16.04 35.84 -26.09
CA PRO A 296 16.42 34.53 -26.69
C PRO A 296 16.28 33.37 -25.69
N THR A 297 16.53 33.62 -24.37
CA THR A 297 16.37 32.60 -23.32
C THR A 297 14.87 32.19 -23.21
N PHE A 298 13.94 33.18 -23.24
CA PHE A 298 12.50 32.91 -23.15
C PHE A 298 12.01 32.07 -24.36
N ARG A 299 12.41 32.46 -25.57
CA ARG A 299 11.97 31.78 -26.78
C ARG A 299 12.54 30.35 -26.86
N ASN A 300 13.85 30.19 -26.52
CA ASN A 300 14.56 28.90 -26.67
C ASN A 300 14.31 27.93 -25.49
N ASN A 301 14.20 28.46 -24.24
CA ASN A 301 14.12 27.60 -23.04
C ASN A 301 12.69 27.51 -22.47
N TYR A 302 11.77 28.38 -22.93
CA TYR A 302 10.42 28.41 -22.35
C TYR A 302 9.32 28.25 -23.44
N LEU A 303 9.22 29.22 -24.38
CA LEU A 303 8.11 29.27 -25.34
C LEU A 303 8.19 28.12 -26.38
N ASN A 304 9.35 27.96 -27.08
CA ASN A 304 9.50 26.90 -28.11
C ASN A 304 9.41 25.47 -27.49
N PRO A 305 10.07 25.16 -26.33
CA PRO A 305 9.98 23.80 -25.76
C PRO A 305 8.53 23.40 -25.44
N ALA A 306 7.74 24.34 -24.86
CA ALA A 306 6.34 24.11 -24.53
C ALA A 306 5.48 24.02 -25.82
N MSE A 307 5.93 24.70 -26.89
CA MSE A 307 5.23 24.72 -28.18
C MSE A 307 5.45 23.38 -28.94
O MSE A 307 4.52 22.86 -29.56
CB MSE A 307 5.71 25.92 -29.03
CG MSE A 307 4.86 26.16 -30.27
SE MSE A 307 3.19 27.06 -29.89
CE MSE A 307 2.33 26.85 -31.65
N GLU A 308 6.70 22.84 -28.90
CA GLU A 308 7.08 21.62 -29.62
C GLU A 308 6.44 20.36 -28.98
N ASP A 309 6.48 20.26 -27.62
CA ASP A 309 5.93 19.09 -26.91
C ASP A 309 4.37 19.19 -26.77
N GLU A 310 3.74 20.14 -27.53
CA GLU A 310 2.27 20.31 -27.60
C GLU A 310 1.64 20.55 -26.20
N TRP A 311 2.19 21.48 -25.41
CA TRP A 311 1.60 21.89 -24.12
C TRP A 311 0.82 23.19 -24.28
N ILE A 312 1.24 24.04 -25.24
CA ILE A 312 0.65 25.35 -25.47
C ILE A 312 0.34 25.53 -26.98
N GLU A 313 -0.72 26.29 -27.32
CA GLU A 313 -1.06 26.58 -28.71
C GLU A 313 -1.23 28.10 -28.93
N ARG A 314 -1.24 28.54 -30.20
CA ARG A 314 -1.37 29.95 -30.55
C ARG A 314 -2.83 30.35 -30.71
N THR A 315 -3.19 31.57 -30.23
CA THR A 315 -4.53 32.12 -30.38
C THR A 315 -4.77 32.47 -31.87
N GLN A 316 -3.69 32.80 -32.59
CA GLN A 316 -3.74 33.10 -34.02
C GLN A 316 -2.86 32.09 -34.82
N PRO A 317 -3.36 30.84 -35.05
CA PRO A 317 -2.52 29.83 -35.73
C PRO A 317 -2.34 30.14 -37.23
N ASP A 318 -3.29 30.90 -37.84
CA ASP A 318 -3.21 31.26 -39.26
C ASP A 318 -2.06 32.26 -39.51
N SER A 319 -1.80 33.17 -38.53
CA SER A 319 -0.70 34.13 -38.61
C SER A 319 0.37 33.82 -37.53
N PRO A 320 1.39 32.97 -37.86
CA PRO A 320 2.38 32.57 -36.84
C PRO A 320 3.24 33.75 -36.34
N ARG A 321 3.70 34.61 -37.27
CA ARG A 321 4.52 35.76 -36.93
C ARG A 321 3.63 37.01 -36.74
N SER A 322 2.76 36.98 -35.72
CA SER A 322 1.81 38.06 -35.45
C SER A 322 2.27 38.93 -34.27
N PRO A 323 2.07 40.28 -34.35
CA PRO A 323 2.47 41.13 -33.21
C PRO A 323 1.49 40.99 -32.02
N THR A 324 0.20 40.70 -32.31
CA THR A 324 -0.82 40.52 -31.27
C THR A 324 -0.95 39.02 -30.88
N GLN A 325 0.16 38.25 -31.02
CA GLN A 325 0.18 36.82 -30.74
C GLN A 325 0.02 36.54 -29.23
N ARG A 326 -0.93 35.65 -28.88
CA ARG A 326 -1.15 35.23 -27.49
C ARG A 326 -1.16 33.70 -27.42
N TYR A 327 -1.11 33.12 -26.19
CA TYR A 327 -0.97 31.67 -26.03
C TYR A 327 -1.97 31.09 -25.00
N ARG A 328 -2.62 29.96 -25.36
CA ARG A 328 -3.60 29.26 -24.49
C ARG A 328 -3.25 27.75 -24.39
N LEU A 329 -3.47 27.14 -23.19
CA LEU A 329 -3.10 25.74 -22.94
C LEU A 329 -4.00 24.74 -23.72
N THR A 330 -3.47 23.51 -23.97
CA THR A 330 -4.22 22.43 -24.64
C THR A 330 -4.48 21.28 -23.64
N GLY A 331 -3.68 20.22 -23.74
CA GLY A 331 -3.75 19.09 -22.83
C GLY A 331 -2.86 19.27 -21.62
N LYS A 332 -3.13 20.32 -20.82
CA LYS A 332 -2.33 20.62 -19.64
C LYS A 332 -3.10 20.29 -18.36
N GLY A 333 -2.65 19.26 -17.65
CA GLY A 333 -3.26 18.83 -16.40
C GLY A 333 -2.46 19.26 -15.18
N GLN A 334 -3.11 19.96 -14.23
CA GLN A 334 -2.45 20.43 -13.01
C GLN A 334 -2.47 19.33 -11.93
N ARG A 335 -1.26 18.87 -11.50
CA ARG A 335 -1.09 17.81 -10.47
C ARG A 335 -1.91 16.56 -10.83
O1 UNL B . -15.06 -8.63 8.37
O2 UNL B . -14.32 -10.78 10.52
O3 UNL B . -14.54 -8.42 11.84
O4 UNL B . -11.10 -10.64 13.52
O5 UNL B . -9.05 -9.08 16.99
O6 UNL B . -14.52 -7.94 14.93
O7 UNL B . -9.33 -8.27 14.34
O8 UNL B . -11.66 -6.42 14.95
O9 UNL B . -8.29 -6.45 13.43
O10 UNL B . -9.52 -5.23 14.34
O11 UNL B . -13.08 -4.67 15.94
O12 UNL B . -10.35 -5.69 17.08
O13 UNL B . -12.22 -2.69 14.13
O14 UNL B . -15.19 -2.34 14.51
O15 UNL B . -15.35 -4.96 13.73
O16 UNL B . -13.24 -6.29 19.45
O17 UNL B . -11.70 -2.79 18.29
O18 UNL B . -10.27 -1.11 17.53
#